data_8XS8
#
_entry.id   8XS8
#
_cell.length_a   68.322
_cell.length_b   99.157
_cell.length_c   80.379
_cell.angle_alpha   90.00
_cell.angle_beta   90.12
_cell.angle_gamma   90.00
#
_symmetry.space_group_name_H-M   'P 1 21 1'
#
loop_
_entity.id
_entity.type
_entity.pdbx_description
1 polymer 'Aryl hydrocarbon receptor nuclear translocator'
2 polymer 'Aryl hydrocarbon receptor'
3 polymer DNAF
4 polymer DNAR
5 non-polymer benzo[a]pyrene
6 water water
#
loop_
_entity_poly.entity_id
_entity_poly.type
_entity_poly.pdbx_seq_one_letter_code
_entity_poly.pdbx_strand_id
1 'polypeptide(L)'
;MDKERLARENHSEIERRRRNKMTAYITELSDMVPTCSALARKPDKLTILRMAVSHMKSLRGTGNTSTDGSYKPSFLTDQE
LKHLILEAADGFLFIVSCETGRVVYVSDSVTPVLNQPQSEWFGSTLYDQVHPDDVDKLREQLSTSENALTGRILDLKTGT
VKKEGQQSSMRMCMGSRRSFICRMRCGSSSVDPVSVNRLSFVRNRCRNGLGSVKDGEPHFVVVHCTGYIKAWPPAGVSLP
DDDPEAGQGSKFCLVAIGRLQVTSSPNCTDMSNVCQPTEFISRHNIEGIFTFVDHRCVATVGYQPQELLGKNIVEFCHPE
DQQLLRDSFQQVVKLKGQVLSVMFRFRSKNQEWLWMRTSSFTFQNPYSDEIEYIICTNTNVK
;
A
2 'polypeptide(L)'
;MIPAEGIKSNPSKRHRDRLNTELDRLASLLPFPQDVINKLDKLSVLRLSVSYLRAKSFFDVSLKSSPADRNGVQDNCRTK
FREGLNLQEGEFLLQALNGFVLVVTTDALVFYASSTIQDYLGFQQSDVIHQSVYELIHTEDRAEFQRQLHWALNPSQCPD
SGQRIDEASGLSQPAAYYNPEQLPPENSFMERCFVCRLRCLLDNSSGFLAMNFQGRLKYLHGQNKKGKDGSILPPQLALF
AIATPLQPPSILEIRTKNFIFRTKHKLDFTPTGCDAKGKIVLGYTEAELCMRGTGYQFIHAADMLYCAEYHVRMIKTGES
GMIVFRLLTKDNRWTWVQSNARLVYKNGRPDYIIATQRPLTDEEGKEHLRKRTLKLPFMFATGEAVLYEHHHHHH
;
B
3 'polydeoxyribonucleotide'
;(DC)(DA)(DT)(DC)(DG)(DG)(DG)(DC)(DA)(DT)(DC)(DG)(DC)(DG)(DT)(DG)(DA)(DC)(DA)(DA)
(DG)
;
C
4 'polydeoxyribonucleotide'
;(DG)(DC)(DT)(DT)(DG)(DT)(DC)(DA)(DC)(DG)(DC)(DG)(DA)(DT)(DG)(DC)(DC)(DC)(DG)(DA)
(DT)
;
D
#
# COMPACT_ATOMS: atom_id res chain seq x y z
N MET A 1 -48.26 -10.25 -18.58
CA MET A 1 -49.06 -11.36 -18.09
C MET A 1 -49.90 -10.94 -16.89
N ASP A 2 -50.52 -11.91 -16.22
CA ASP A 2 -51.24 -11.62 -14.99
C ASP A 2 -50.26 -11.33 -13.86
N LYS A 3 -50.40 -10.18 -13.21
CA LYS A 3 -49.50 -9.81 -12.13
C LYS A 3 -49.58 -10.81 -10.98
N GLU A 4 -50.78 -11.25 -10.63
CA GLU A 4 -50.95 -12.16 -9.50
C GLU A 4 -50.29 -13.50 -9.76
N ARG A 5 -50.57 -14.10 -10.92
CA ARG A 5 -50.00 -15.39 -11.25
C ARG A 5 -48.49 -15.31 -11.43
N LEU A 6 -48.00 -14.24 -12.06
CA LEU A 6 -46.56 -14.05 -12.23
C LEU A 6 -45.87 -13.96 -10.87
N ALA A 7 -46.42 -13.16 -9.95
CA ALA A 7 -45.83 -13.04 -8.63
C ALA A 7 -45.88 -14.37 -7.89
N ARG A 8 -46.99 -15.10 -8.01
CA ARG A 8 -47.11 -16.40 -7.35
C ARG A 8 -46.05 -17.37 -7.83
N GLU A 9 -45.83 -17.43 -9.16
CA GLU A 9 -44.86 -18.37 -9.70
C GLU A 9 -43.43 -17.95 -9.37
N ASN A 10 -43.15 -16.64 -9.37
CA ASN A 10 -41.83 -16.17 -8.93
C ASN A 10 -41.57 -16.57 -7.49
N HIS A 11 -42.58 -16.44 -6.63
CA HIS A 11 -42.41 -16.81 -5.22
C HIS A 11 -42.19 -18.31 -5.07
N SER A 12 -42.94 -19.12 -5.83
CA SER A 12 -42.75 -20.56 -5.78
C SER A 12 -41.35 -20.95 -6.23
N GLU A 13 -40.83 -20.28 -7.26
CA GLU A 13 -39.47 -20.56 -7.72
C GLU A 13 -38.43 -20.15 -6.67
N ILE A 14 -38.68 -19.03 -5.98
CA ILE A 14 -37.77 -18.61 -4.91
C ILE A 14 -37.70 -19.69 -3.83
N GLU A 15 -38.86 -20.18 -3.39
CA GLU A 15 -38.88 -21.19 -2.34
C GLU A 15 -38.25 -22.50 -2.80
N ARG A 16 -38.48 -22.87 -4.07
CA ARG A 16 -37.87 -24.09 -4.59
C ARG A 16 -36.35 -23.97 -4.63
N ARG A 17 -35.82 -22.83 -5.08
CA ARG A 17 -34.38 -22.64 -5.09
C ARG A 17 -33.81 -22.64 -3.67
N ARG A 18 -34.56 -22.09 -2.70
CA ARG A 18 -34.14 -22.16 -1.31
C ARG A 18 -34.02 -23.62 -0.84
N ARG A 19 -35.02 -24.44 -1.16
CA ARG A 19 -34.97 -25.85 -0.79
C ARG A 19 -33.78 -26.56 -1.43
N ASN A 20 -33.52 -26.27 -2.69
CA ASN A 20 -32.37 -26.86 -3.37
C ASN A 20 -31.07 -26.46 -2.69
N LYS A 21 -30.94 -25.18 -2.32
CA LYS A 21 -29.75 -24.71 -1.61
C LYS A 21 -29.58 -25.45 -0.30
N MET A 22 -30.68 -25.66 0.43
CA MET A 22 -30.58 -26.35 1.72
C MET A 22 -30.12 -27.80 1.54
N THR A 23 -30.69 -28.51 0.57
CA THR A 23 -30.27 -29.90 0.36
C THR A 23 -28.82 -29.96 -0.12
N ALA A 24 -28.38 -28.99 -0.92
CA ALA A 24 -26.99 -28.97 -1.36
C ALA A 24 -26.05 -28.75 -0.18
N TYR A 25 -26.40 -27.84 0.73
CA TYR A 25 -25.57 -27.62 1.90
C TYR A 25 -25.55 -28.85 2.80
N ILE A 26 -26.67 -29.58 2.88
CA ILE A 26 -26.69 -30.80 3.68
C ILE A 26 -25.79 -31.86 3.06
N THR A 27 -25.77 -31.94 1.73
CA THR A 27 -24.87 -32.87 1.06
C THR A 27 -23.40 -32.49 1.32
N GLU A 28 -23.08 -31.19 1.24
CA GLU A 28 -21.74 -30.74 1.61
C GLU A 28 -21.40 -31.17 3.04
N LEU A 29 -22.36 -31.03 3.95
CA LEU A 29 -22.13 -31.46 5.33
C LEU A 29 -21.77 -32.94 5.40
N SER A 30 -22.57 -33.79 4.73
CA SER A 30 -22.27 -35.21 4.75
C SER A 30 -20.91 -35.51 4.13
N ASP A 31 -20.50 -34.70 3.15
CA ASP A 31 -19.16 -34.84 2.59
C ASP A 31 -18.07 -34.36 3.54
N MET A 32 -18.42 -33.55 4.54
CA MET A 32 -17.42 -32.86 5.34
C MET A 32 -17.25 -33.43 6.75
N VAL A 33 -17.91 -34.53 7.10
CA VAL A 33 -17.81 -35.09 8.44
C VAL A 33 -17.13 -36.45 8.31
N PRO A 34 -16.62 -37.00 9.44
CA PRO A 34 -15.92 -38.29 9.39
C PRO A 34 -16.60 -39.38 8.60
N THR A 35 -17.73 -39.89 9.08
CA THR A 35 -18.43 -41.00 8.44
C THR A 35 -19.82 -40.54 8.02
N CYS A 36 -20.00 -40.36 6.71
CA CYS A 36 -21.31 -40.09 6.12
C CYS A 36 -21.33 -40.50 4.66
N PRO A 43 -27.11 -41.73 4.15
CA PRO A 43 -27.94 -41.37 5.31
C PRO A 43 -28.92 -40.24 5.00
N ASP A 44 -29.95 -40.09 5.82
CA ASP A 44 -30.97 -39.07 5.61
C ASP A 44 -30.53 -37.73 6.20
N LYS A 45 -31.38 -36.72 6.06
CA LYS A 45 -31.01 -35.37 6.45
C LYS A 45 -30.81 -35.24 7.96
N LEU A 46 -31.69 -35.86 8.75
CA LEU A 46 -31.60 -35.71 10.20
C LEU A 46 -30.32 -36.31 10.75
N THR A 47 -29.94 -37.51 10.28
CA THR A 47 -28.71 -38.12 10.76
C THR A 47 -27.48 -37.31 10.33
N ILE A 48 -27.50 -36.78 9.11
CA ILE A 48 -26.40 -35.93 8.66
C ILE A 48 -26.29 -34.70 9.55
N LEU A 49 -27.43 -34.10 9.92
CA LEU A 49 -27.40 -32.93 10.77
C LEU A 49 -26.90 -33.27 12.17
N ARG A 50 -27.30 -34.41 12.71
CA ARG A 50 -26.83 -34.81 14.04
C ARG A 50 -25.33 -35.06 14.04
N MET A 51 -24.83 -35.75 13.01
CA MET A 51 -23.38 -35.99 12.92
C MET A 51 -22.63 -34.68 12.70
N ALA A 52 -23.21 -33.74 11.97
CA ALA A 52 -22.58 -32.43 11.80
C ALA A 52 -22.50 -31.69 13.12
N VAL A 53 -23.58 -31.75 13.91
CA VAL A 53 -23.56 -31.14 15.24
C VAL A 53 -22.45 -31.76 16.08
N SER A 54 -22.33 -33.09 16.03
CA SER A 54 -21.30 -33.77 16.82
C SER A 54 -19.90 -33.36 16.40
N HIS A 55 -19.65 -33.30 15.09
CA HIS A 55 -18.31 -32.95 14.61
C HIS A 55 -17.96 -31.51 14.94
N MET A 56 -18.92 -30.59 14.77
CA MET A 56 -18.67 -29.20 15.15
C MET A 56 -18.45 -29.05 16.65
N LYS A 57 -19.16 -29.85 17.46
CA LYS A 57 -18.91 -29.86 18.90
C LYS A 57 -17.48 -30.27 19.19
N SER A 58 -17.03 -31.38 18.59
CA SER A 58 -15.67 -31.84 18.81
C SER A 58 -14.64 -30.84 18.30
N LEU A 59 -14.98 -30.05 17.28
CA LEU A 59 -14.03 -29.09 16.73
C LEU A 59 -13.88 -27.85 17.63
N ARG A 60 -15.01 -27.24 18.01
CA ARG A 60 -14.96 -26.03 18.81
C ARG A 60 -14.56 -26.33 20.25
N PRO A 73 -15.51 -14.22 19.81
CA PRO A 73 -15.28 -15.48 19.10
C PRO A 73 -14.96 -15.26 17.63
N SER A 74 -13.79 -15.72 17.19
CA SER A 74 -13.34 -15.53 15.83
C SER A 74 -13.64 -16.77 14.99
N PHE A 75 -13.89 -16.56 13.70
CA PHE A 75 -14.13 -17.68 12.79
C PHE A 75 -12.89 -18.57 12.70
N LEU A 76 -11.73 -17.97 12.48
CA LEU A 76 -10.46 -18.69 12.50
C LEU A 76 -9.73 -18.43 13.81
N THR A 77 -8.90 -19.38 14.20
CA THR A 77 -7.98 -19.14 15.30
C THR A 77 -6.89 -18.17 14.84
N ASP A 78 -6.14 -17.65 15.82
CA ASP A 78 -5.07 -16.71 15.50
C ASP A 78 -4.02 -17.35 14.58
N GLN A 79 -3.65 -18.59 14.87
CA GLN A 79 -2.64 -19.27 14.04
C GLN A 79 -3.17 -19.56 12.64
N GLU A 80 -4.46 -19.87 12.51
CA GLU A 80 -5.03 -20.10 11.18
C GLU A 80 -5.04 -18.82 10.36
N LEU A 81 -5.39 -17.69 10.97
CA LEU A 81 -5.38 -16.41 10.26
C LEU A 81 -3.96 -16.04 9.85
N LYS A 82 -3.01 -16.16 10.77
CA LYS A 82 -1.62 -15.90 10.42
C LYS A 82 -1.15 -16.79 9.28
N HIS A 83 -1.55 -18.07 9.32
CA HIS A 83 -1.20 -19.00 8.25
C HIS A 83 -1.76 -18.53 6.92
N LEU A 84 -3.03 -18.09 6.90
CA LEU A 84 -3.61 -17.61 5.65
C LEU A 84 -2.87 -16.40 5.12
N ILE A 85 -2.57 -15.43 5.98
CA ILE A 85 -1.92 -14.21 5.52
C ILE A 85 -0.52 -14.50 5.00
N LEU A 86 0.25 -15.31 5.74
CA LEU A 86 1.62 -15.61 5.33
C LEU A 86 1.67 -16.54 4.12
N GLU A 87 0.63 -17.35 3.91
CA GLU A 87 0.54 -18.14 2.69
C GLU A 87 0.13 -17.27 1.52
N ALA A 88 -0.60 -16.18 1.78
CA ALA A 88 -1.03 -15.28 0.71
C ALA A 88 0.13 -14.42 0.20
N ALA A 89 0.89 -13.79 1.12
CA ALA A 89 1.87 -12.82 0.63
C ALA A 89 3.13 -12.73 1.48
N ASP A 90 3.54 -13.84 2.12
CA ASP A 90 4.82 -13.90 2.85
C ASP A 90 4.87 -12.78 3.90
N GLY A 91 6.07 -12.33 4.23
CA GLY A 91 6.27 -11.23 5.15
C GLY A 91 6.43 -11.69 6.59
N PHE A 92 6.95 -10.77 7.41
CA PHE A 92 7.07 -11.02 8.84
C PHE A 92 6.64 -9.77 9.59
N LEU A 93 6.03 -9.99 10.75
CA LEU A 93 5.54 -8.89 11.59
C LEU A 93 6.63 -8.41 12.53
N PHE A 94 6.69 -7.10 12.73
CA PHE A 94 7.53 -6.53 13.77
C PHE A 94 6.82 -5.35 14.42
N ILE A 95 7.06 -5.21 15.72
CA ILE A 95 6.49 -4.14 16.53
C ILE A 95 7.66 -3.42 17.19
N VAL A 96 7.87 -2.15 16.80
CA VAL A 96 8.95 -1.35 17.31
C VAL A 96 8.38 -0.13 18.03
N SER A 97 9.19 0.48 18.89
CA SER A 97 8.80 1.69 19.58
C SER A 97 9.10 2.91 18.72
N CYS A 98 8.21 3.91 18.79
CA CYS A 98 8.37 5.09 17.96
C CYS A 98 9.51 5.99 18.46
N GLU A 99 9.75 5.98 19.77
CA GLU A 99 10.76 6.87 20.34
C GLU A 99 12.17 6.45 19.91
N THR A 100 12.59 5.26 20.31
CA THR A 100 13.95 4.80 20.09
C THR A 100 14.09 3.84 18.92
N GLY A 101 12.99 3.35 18.36
CA GLY A 101 13.06 2.26 17.41
C GLY A 101 13.30 0.91 18.03
N ARG A 102 13.15 0.79 19.34
CA ARG A 102 13.44 -0.45 20.05
C ARG A 102 12.49 -1.56 19.60
N VAL A 103 13.07 -2.69 19.21
CA VAL A 103 12.27 -3.83 18.76
C VAL A 103 11.55 -4.41 19.96
N VAL A 104 10.23 -4.23 20.01
CA VAL A 104 9.43 -4.84 21.06
C VAL A 104 9.12 -6.29 20.71
N TYR A 105 8.80 -6.56 19.46
CA TYR A 105 8.42 -7.90 19.05
C TYR A 105 8.79 -8.13 17.60
N VAL A 106 9.03 -9.40 17.26
CA VAL A 106 9.27 -9.81 15.88
C VAL A 106 8.84 -11.26 15.74
N SER A 107 8.14 -11.56 14.66
CA SER A 107 7.66 -12.92 14.43
C SER A 107 8.80 -13.82 13.98
N ASP A 108 8.56 -15.13 14.10
CA ASP A 108 9.54 -16.11 13.60
C ASP A 108 9.68 -16.06 12.10
N SER A 109 8.68 -15.52 11.39
CA SER A 109 8.72 -15.43 9.93
C SER A 109 9.86 -14.54 9.44
N VAL A 110 10.61 -13.95 10.37
CA VAL A 110 11.79 -13.19 9.96
C VAL A 110 12.89 -14.13 9.49
N THR A 111 12.91 -15.36 9.99
CA THR A 111 13.96 -16.30 9.59
C THR A 111 13.80 -16.74 8.13
N PRO A 112 12.58 -17.03 7.65
CA PRO A 112 12.43 -17.29 6.20
C PRO A 112 12.48 -16.04 5.33
N VAL A 113 12.34 -14.85 5.90
CA VAL A 113 12.34 -13.64 5.09
C VAL A 113 13.73 -13.03 5.00
N LEU A 114 14.38 -12.81 6.14
CA LEU A 114 15.68 -12.15 6.17
C LEU A 114 16.83 -13.09 6.45
N ASN A 115 16.56 -14.39 6.62
CA ASN A 115 17.58 -15.36 7.02
C ASN A 115 18.25 -14.91 8.32
N GLN A 116 17.43 -14.45 9.27
CA GLN A 116 17.91 -13.92 10.54
C GLN A 116 17.11 -14.56 11.67
N PRO A 117 17.76 -15.00 12.74
CA PRO A 117 17.01 -15.53 13.88
C PRO A 117 16.31 -14.42 14.63
N GLN A 118 15.35 -14.83 15.47
CA GLN A 118 14.66 -13.86 16.32
C GLN A 118 15.59 -13.21 17.32
N SER A 119 16.75 -13.82 17.60
CA SER A 119 17.69 -13.25 18.56
C SER A 119 18.34 -11.98 18.02
N GLU A 120 18.44 -11.85 16.70
CA GLU A 120 19.09 -10.69 16.12
C GLU A 120 18.26 -9.42 16.30
N TRP A 121 16.94 -9.54 16.21
CA TRP A 121 16.05 -8.40 16.32
C TRP A 121 15.67 -8.07 17.75
N PHE A 122 15.38 -9.07 18.56
CA PHE A 122 15.00 -8.82 19.95
C PHE A 122 16.14 -8.13 20.69
N GLY A 123 15.77 -7.18 21.56
CA GLY A 123 16.75 -6.38 22.26
C GLY A 123 17.55 -5.43 21.41
N SER A 124 17.11 -5.24 20.16
CA SER A 124 17.78 -4.38 19.16
C SER A 124 16.93 -3.15 18.86
N THR A 125 17.30 -2.38 17.85
CA THR A 125 16.54 -1.19 17.39
C THR A 125 16.50 -1.23 15.86
N LEU A 126 15.36 -0.97 15.25
CA LEU A 126 15.12 -1.03 13.81
C LEU A 126 16.16 -0.24 13.03
N TYR A 127 16.67 0.86 13.60
CA TYR A 127 17.74 1.60 12.95
C TYR A 127 18.99 0.74 12.80
N ASP A 128 19.27 -0.10 13.80
CA ASP A 128 20.41 -0.99 13.72
C ASP A 128 20.22 -2.10 12.69
N GLN A 129 18.98 -2.37 12.28
CA GLN A 129 18.70 -3.46 11.35
C GLN A 129 18.66 -3.02 9.90
N VAL A 130 18.54 -1.72 9.63
CA VAL A 130 18.42 -1.24 8.26
C VAL A 130 19.76 -0.73 7.76
N HIS A 131 19.80 -0.35 6.50
CA HIS A 131 20.99 0.27 5.94
C HIS A 131 21.19 1.65 6.56
N PRO A 132 22.43 2.06 6.83
CA PRO A 132 22.65 3.40 7.41
C PRO A 132 22.06 4.52 6.58
N ASP A 133 22.15 4.43 5.24
CA ASP A 133 21.64 5.48 4.38
C ASP A 133 20.14 5.71 4.55
N ASP A 134 19.41 4.71 5.07
CA ASP A 134 17.97 4.82 5.29
C ASP A 134 17.60 5.24 6.70
N VAL A 135 18.58 5.31 7.62
CA VAL A 135 18.28 5.59 9.02
C VAL A 135 17.42 6.85 9.14
N ASP A 136 17.88 7.95 8.55
CA ASP A 136 17.12 9.19 8.61
C ASP A 136 15.71 9.00 8.09
N LYS A 137 15.57 8.33 6.94
CA LYS A 137 14.24 8.04 6.40
C LYS A 137 13.37 7.36 7.45
N LEU A 138 13.92 6.36 8.14
CA LEU A 138 13.19 5.66 9.19
C LEU A 138 12.63 6.62 10.22
N ARG A 139 13.44 7.59 10.66
CA ARG A 139 12.98 8.55 11.66
C ARG A 139 11.75 9.30 11.16
N GLU A 140 11.75 9.68 9.88
CA GLU A 140 10.62 10.41 9.33
C GLU A 140 9.33 9.59 9.40
N GLN A 141 9.45 8.26 9.38
CA GLN A 141 8.28 7.39 9.44
C GLN A 141 7.90 7.00 10.86
N LEU A 142 8.66 7.42 11.87
CA LEU A 142 8.38 7.01 13.24
C LEU A 142 7.94 8.15 14.15
N SER A 143 8.35 9.38 13.87
CA SER A 143 8.00 10.51 14.72
C SER A 143 6.50 10.76 14.68
N THR A 144 5.98 11.22 15.82
CA THR A 144 4.55 11.52 15.98
C THR A 144 3.68 10.34 15.59
N MET A 174 -8.78 7.72 8.07
CA MET A 174 -7.78 6.83 7.48
C MET A 174 -7.13 5.92 8.51
N GLY A 175 -6.77 6.50 9.65
CA GLY A 175 -5.85 5.91 10.58
C GLY A 175 -4.43 6.40 10.36
N SER A 176 -3.58 6.15 11.34
CA SER A 176 -2.18 6.56 11.26
C SER A 176 -1.35 5.43 10.65
N ARG A 177 -1.66 5.14 9.39
CA ARG A 177 -0.93 4.14 8.63
C ARG A 177 0.47 4.63 8.29
N ARG A 178 1.35 3.67 8.01
CA ARG A 178 2.70 3.94 7.52
C ARG A 178 3.01 2.92 6.43
N SER A 179 3.82 3.34 5.46
CA SER A 179 4.29 2.44 4.42
C SER A 179 5.53 3.04 3.79
N PHE A 180 6.55 2.20 3.59
CA PHE A 180 7.81 2.69 3.06
C PHE A 180 8.63 1.52 2.54
N ILE A 181 9.83 1.83 2.05
CA ILE A 181 10.75 0.85 1.50
C ILE A 181 12.13 1.13 2.06
N CYS A 182 12.79 0.10 2.59
CA CYS A 182 14.12 0.27 3.15
C CYS A 182 14.97 -0.93 2.75
N ARG A 183 16.16 -1.02 3.35
CA ARG A 183 17.10 -2.11 3.09
C ARG A 183 17.48 -2.74 4.41
N MET A 184 17.24 -4.04 4.55
CA MET A 184 17.46 -4.75 5.80
C MET A 184 18.61 -5.73 5.68
N ARG A 185 19.28 -5.98 6.80
CA ARG A 185 20.42 -6.87 6.86
C ARG A 185 20.00 -8.33 6.75
N CYS A 186 20.96 -9.19 6.45
CA CYS A 186 20.72 -10.63 6.32
C CYS A 186 21.81 -11.45 7.00
N GLU A 217 30.76 -10.61 4.97
CA GLU A 217 30.32 -9.29 4.55
C GLU A 217 28.81 -9.14 4.77
N PRO A 218 28.38 -7.95 5.20
CA PRO A 218 26.95 -7.73 5.42
C PRO A 218 26.19 -7.59 4.10
N HIS A 219 25.12 -8.38 3.98
CA HIS A 219 24.27 -8.40 2.76
C HIS A 219 22.95 -7.75 3.13
N PHE A 220 22.39 -6.94 2.23
CA PHE A 220 21.13 -6.23 2.49
C PHE A 220 20.14 -6.57 1.39
N VAL A 221 18.84 -6.50 1.70
CA VAL A 221 17.73 -6.81 0.82
C VAL A 221 16.71 -5.69 0.90
N VAL A 222 16.13 -5.32 -0.24
CA VAL A 222 15.07 -4.34 -0.26
C VAL A 222 13.81 -4.93 0.36
N VAL A 223 13.26 -4.25 1.37
CA VAL A 223 12.09 -4.69 2.11
C VAL A 223 11.04 -3.60 2.07
N HIS A 224 9.83 -3.96 1.64
CA HIS A 224 8.68 -3.08 1.68
C HIS A 224 7.93 -3.31 2.99
N CYS A 225 7.72 -2.25 3.76
CA CYS A 225 7.12 -2.31 5.08
C CYS A 225 5.80 -1.56 5.08
N THR A 226 4.78 -2.15 5.64
CA THR A 226 3.52 -1.42 5.75
C THR A 226 2.93 -1.78 7.09
N GLY A 227 2.49 -0.79 7.81
CA GLY A 227 2.01 -0.94 9.16
C GLY A 227 1.20 0.23 9.63
N TYR A 228 1.11 0.36 10.95
CA TYR A 228 0.28 1.39 11.56
C TYR A 228 0.85 1.79 12.92
N ILE A 229 0.40 2.95 13.39
CA ILE A 229 0.76 3.47 14.70
C ILE A 229 -0.31 3.01 15.69
N LYS A 230 0.13 2.39 16.78
CA LYS A 230 -0.76 1.86 17.80
C LYS A 230 -0.32 2.34 19.17
N ALA A 231 -1.29 2.69 20.01
CA ALA A 231 -1.00 3.08 21.39
C ALA A 231 -0.54 1.87 22.18
N TRP A 232 0.48 2.07 23.04
CA TRP A 232 1.08 1.04 23.86
C TRP A 232 0.80 1.29 25.34
N PRO A 233 0.57 0.23 26.14
CA PRO A 233 0.57 -1.19 25.77
C PRO A 233 -0.75 -1.64 25.15
N PRO A 234 -0.74 -2.75 24.43
CA PRO A 234 -1.98 -3.24 23.83
C PRO A 234 -2.90 -3.84 24.88
N ALA A 235 -4.19 -3.58 24.73
CA ALA A 235 -5.18 -4.13 25.65
C ALA A 235 -5.23 -5.64 25.54
N GLY A 236 -5.48 -6.29 26.67
CA GLY A 236 -5.59 -7.73 26.70
C GLY A 236 -4.29 -8.42 27.09
N VAL A 237 -3.17 -7.93 26.56
CA VAL A 237 -1.87 -8.52 26.87
C VAL A 237 -1.48 -8.14 28.29
N SER A 238 -1.17 -9.14 29.10
CA SER A 238 -0.75 -8.91 30.47
C SER A 238 0.73 -8.52 30.51
N LEU A 239 1.06 -7.58 31.37
CA LEU A 239 2.43 -7.07 31.50
C LEU A 239 2.88 -7.21 32.95
N PRO A 240 3.63 -8.26 33.29
CA PRO A 240 4.00 -8.50 34.69
C PRO A 240 4.98 -7.45 35.20
N ASP A 241 5.16 -7.44 36.52
CA ASP A 241 6.03 -6.46 37.16
C ASP A 241 7.49 -6.70 36.82
N ASP A 242 7.90 -7.96 36.73
CA ASP A 242 9.30 -8.32 36.51
C ASP A 242 9.61 -8.65 35.05
N ASP A 243 8.88 -8.02 34.10
CA ASP A 243 9.05 -8.22 32.67
C ASP A 243 9.88 -7.08 32.07
N PRO A 244 10.71 -7.37 31.06
CA PRO A 244 11.53 -6.31 30.45
C PRO A 244 10.75 -5.09 29.99
N GLU A 245 9.53 -5.27 29.49
CA GLU A 245 8.74 -4.15 29.00
C GLU A 245 8.21 -3.25 30.11
N ALA A 246 8.27 -3.70 31.36
CA ALA A 246 7.65 -2.95 32.46
C ALA A 246 8.32 -1.61 32.72
N GLY A 247 9.57 -1.44 32.29
CA GLY A 247 10.28 -0.21 32.57
C GLY A 247 10.42 0.71 31.37
N GLN A 248 10.04 0.23 30.19
CA GLN A 248 10.25 1.02 28.97
C GLN A 248 9.27 2.19 28.90
N GLY A 249 7.98 1.93 29.10
CA GLY A 249 7.00 2.98 29.12
C GLY A 249 6.80 3.71 27.81
N SER A 250 6.92 3.02 26.68
CA SER A 250 6.65 3.64 25.40
C SER A 250 5.15 3.89 25.24
N LYS A 251 4.81 5.00 24.60
CA LYS A 251 3.42 5.38 24.39
C LYS A 251 2.88 4.94 23.04
N PHE A 252 3.68 5.01 21.98
CA PHE A 252 3.26 4.63 20.65
C PHE A 252 4.24 3.64 20.04
N CYS A 253 3.73 2.76 19.19
CA CYS A 253 4.54 1.74 18.54
C CYS A 253 4.12 1.61 17.08
N LEU A 254 5.09 1.28 16.24
CA LEU A 254 4.82 0.92 14.85
C LEU A 254 4.68 -0.59 14.75
N VAL A 255 3.50 -1.05 14.34
CA VAL A 255 3.22 -2.46 14.10
C VAL A 255 3.14 -2.65 12.60
N ALA A 256 4.07 -3.42 12.02
CA ALA A 256 4.17 -3.49 10.58
C ALA A 256 4.50 -4.91 10.10
N ILE A 257 4.29 -5.13 8.81
CA ILE A 257 4.76 -6.31 8.10
C ILE A 257 5.84 -5.88 7.12
N GLY A 258 6.92 -6.64 7.06
CA GLY A 258 7.97 -6.46 6.07
C GLY A 258 7.96 -7.62 5.09
N ARG A 259 8.08 -7.28 3.80
CA ARG A 259 8.08 -8.28 2.74
C ARG A 259 9.22 -8.01 1.76
N LEU A 260 9.79 -9.07 1.22
CA LEU A 260 10.83 -8.94 0.21
C LEU A 260 10.22 -8.64 -1.15
N GLN A 261 10.96 -7.86 -1.95
CA GLN A 261 10.51 -7.49 -3.29
C GLN A 261 11.64 -6.84 -4.07
N PRO A 277 12.35 2.06 -27.99
CA PRO A 277 13.04 3.20 -28.58
C PRO A 277 12.46 4.56 -28.15
N THR A 278 12.60 4.95 -26.86
CA THR A 278 12.06 6.24 -26.34
C THR A 278 13.12 7.01 -25.57
N GLU A 279 12.73 8.07 -24.89
CA GLU A 279 13.67 8.87 -24.07
C GLU A 279 12.97 9.45 -22.86
N PHE A 280 13.74 10.01 -21.94
CA PHE A 280 13.21 10.59 -20.71
C PHE A 280 14.10 11.75 -20.27
N ILE A 281 13.49 12.73 -19.62
CA ILE A 281 14.19 13.91 -19.14
C ILE A 281 14.51 13.75 -17.67
N SER A 282 15.45 14.56 -17.18
CA SER A 282 15.88 14.47 -15.80
C SER A 282 16.58 15.76 -15.40
N ARG A 283 16.66 15.98 -14.09
CA ARG A 283 17.39 17.10 -13.53
C ARG A 283 18.35 16.58 -12.47
N HIS A 284 19.62 16.95 -12.61
CA HIS A 284 20.67 16.60 -11.66
C HIS A 284 21.23 17.86 -11.04
N ASN A 285 21.98 17.68 -9.95
CA ASN A 285 22.83 18.77 -9.48
C ASN A 285 24.14 18.77 -10.28
N ILE A 286 25.07 19.65 -9.90
CA ILE A 286 26.32 19.76 -10.64
C ILE A 286 27.28 18.62 -10.35
N GLU A 287 26.86 17.63 -9.54
CA GLU A 287 27.66 16.45 -9.28
C GLU A 287 27.11 15.20 -9.97
N GLY A 288 25.93 15.27 -10.56
CA GLY A 288 25.35 14.13 -11.25
C GLY A 288 24.25 13.41 -10.52
N ILE A 289 23.78 13.92 -9.39
CA ILE A 289 22.76 13.25 -8.59
C ILE A 289 21.39 13.54 -9.19
N PHE A 290 20.70 12.48 -9.62
CA PHE A 290 19.30 12.60 -10.04
C PHE A 290 18.46 13.26 -8.95
N THR A 291 17.99 14.48 -9.20
CA THR A 291 17.05 15.13 -8.30
C THR A 291 15.65 15.21 -8.88
N PHE A 292 15.48 14.94 -10.17
CA PHE A 292 14.17 14.80 -10.79
C PHE A 292 14.28 13.81 -11.92
N VAL A 293 13.32 12.89 -12.01
CA VAL A 293 13.32 11.85 -13.04
C VAL A 293 11.95 11.78 -13.70
N ASP A 294 11.93 11.86 -15.02
CA ASP A 294 10.70 11.66 -15.77
C ASP A 294 10.20 10.23 -15.58
N HIS A 295 8.87 10.08 -15.59
CA HIS A 295 8.28 8.76 -15.40
C HIS A 295 8.55 7.84 -16.59
N ARG A 296 8.96 8.38 -17.73
CA ARG A 296 9.24 7.54 -18.89
C ARG A 296 10.49 6.68 -18.73
N CYS A 297 11.27 6.91 -17.68
CA CYS A 297 12.52 6.17 -17.50
C CYS A 297 12.29 4.67 -17.46
N VAL A 298 11.14 4.24 -16.93
CA VAL A 298 10.83 2.81 -16.89
C VAL A 298 10.84 2.23 -18.30
N ALA A 299 10.23 2.93 -19.25
CA ALA A 299 10.21 2.46 -20.63
C ALA A 299 11.55 2.64 -21.34
N THR A 300 12.51 3.31 -20.70
CA THR A 300 13.80 3.61 -21.32
C THR A 300 14.95 2.81 -20.75
N VAL A 301 15.02 2.68 -19.43
CA VAL A 301 16.10 1.96 -18.78
C VAL A 301 15.62 0.90 -17.80
N GLY A 302 14.31 0.76 -17.62
CA GLY A 302 13.75 -0.27 -16.76
C GLY A 302 13.70 0.06 -15.29
N TYR A 303 14.17 1.24 -14.89
CA TYR A 303 14.19 1.64 -13.48
C TYR A 303 13.00 2.53 -13.16
N GLN A 304 12.48 2.39 -11.95
CA GLN A 304 11.51 3.33 -11.42
C GLN A 304 12.24 4.58 -10.94
N PRO A 305 11.56 5.73 -10.89
CA PRO A 305 12.23 6.97 -10.47
C PRO A 305 12.86 6.88 -9.10
N GLN A 306 12.31 6.08 -8.17
CA GLN A 306 12.91 5.95 -6.85
C GLN A 306 14.27 5.25 -6.91
N GLU A 307 14.45 4.32 -7.85
CA GLU A 307 15.74 3.66 -8.01
C GLU A 307 16.79 4.60 -8.59
N LEU A 308 16.36 5.66 -9.29
CA LEU A 308 17.26 6.66 -9.85
C LEU A 308 17.43 7.88 -8.95
N LEU A 309 16.33 8.38 -8.37
CA LEU A 309 16.40 9.57 -7.54
C LEU A 309 17.35 9.38 -6.37
N GLY A 310 18.29 10.31 -6.22
CA GLY A 310 19.26 10.28 -5.16
C GLY A 310 20.61 9.73 -5.56
N LYS A 311 20.63 8.81 -6.52
CA LYS A 311 21.87 8.22 -7.01
C LYS A 311 22.53 9.12 -8.04
N ASN A 312 23.84 8.98 -8.18
CA ASN A 312 24.55 9.66 -9.25
C ASN A 312 24.34 8.91 -10.56
N ILE A 313 24.34 9.66 -11.65
CA ILE A 313 24.15 9.02 -12.96
C ILE A 313 25.39 8.22 -13.34
N VAL A 314 26.57 8.65 -12.88
CA VAL A 314 27.82 7.99 -13.26
C VAL A 314 27.86 6.55 -12.76
N GLU A 315 27.13 6.26 -11.68
CA GLU A 315 27.09 4.90 -11.15
C GLU A 315 26.43 3.93 -12.13
N PHE A 316 25.56 4.43 -13.02
CA PHE A 316 24.92 3.59 -14.01
C PHE A 316 25.73 3.49 -15.31
N CYS A 317 26.87 4.17 -15.37
CA CYS A 317 27.66 4.31 -16.59
C CYS A 317 28.79 3.29 -16.63
N HIS A 318 29.26 3.01 -17.86
CA HIS A 318 30.35 2.09 -18.11
C HIS A 318 31.69 2.73 -17.75
N PRO A 319 32.59 1.97 -17.12
CA PRO A 319 33.85 2.59 -16.63
C PRO A 319 34.66 3.26 -17.72
N GLU A 320 34.70 2.69 -18.93
CA GLU A 320 35.38 3.33 -20.04
C GLU A 320 34.67 4.58 -20.54
N ASP A 321 33.41 4.79 -20.14
CA ASP A 321 32.66 5.98 -20.49
C ASP A 321 32.44 6.91 -19.30
N GLN A 322 32.83 6.51 -18.09
CA GLN A 322 32.51 7.28 -16.91
C GLN A 322 33.24 8.62 -16.88
N GLN A 323 34.51 8.64 -17.30
CA GLN A 323 35.23 9.90 -17.32
C GLN A 323 34.72 10.82 -18.42
N LEU A 324 34.29 10.25 -19.55
CA LEU A 324 33.66 11.05 -20.59
C LEU A 324 32.38 11.70 -20.07
N LEU A 325 31.55 10.94 -19.37
CA LEU A 325 30.33 11.49 -18.80
C LEU A 325 30.62 12.55 -17.75
N ARG A 326 31.64 12.31 -16.91
CA ARG A 326 32.03 13.26 -15.89
C ARG A 326 32.51 14.57 -16.51
N ASP A 327 33.31 14.48 -17.57
CA ASP A 327 33.79 15.68 -18.25
C ASP A 327 32.65 16.40 -18.97
N SER A 328 31.64 15.66 -19.44
CA SER A 328 30.46 16.31 -19.99
C SER A 328 29.75 17.14 -18.94
N PHE A 329 29.52 16.54 -17.76
CA PHE A 329 28.88 17.28 -16.67
C PHE A 329 29.74 18.45 -16.20
N GLN A 330 31.06 18.34 -16.30
CA GLN A 330 31.93 19.43 -15.87
C GLN A 330 31.95 20.57 -16.89
N GLN A 331 31.90 20.25 -18.18
CA GLN A 331 31.95 21.27 -19.21
C GLN A 331 30.60 21.94 -19.42
N VAL A 332 29.50 21.25 -19.16
CA VAL A 332 28.18 21.88 -19.31
C VAL A 332 28.02 23.01 -18.31
N VAL A 333 28.74 22.95 -17.18
CA VAL A 333 28.67 24.00 -16.17
C VAL A 333 29.44 25.23 -16.63
N LYS A 334 30.59 25.04 -17.27
CA LYS A 334 31.37 26.17 -17.75
C LYS A 334 30.71 26.89 -18.91
N LEU A 335 29.85 26.21 -19.66
CA LEU A 335 29.16 26.78 -20.82
C LEU A 335 27.67 26.86 -20.51
N LYS A 336 27.29 27.85 -19.72
CA LYS A 336 25.90 28.01 -19.36
C LYS A 336 25.05 28.39 -20.57
N GLY A 337 23.87 27.78 -20.67
CA GLY A 337 22.97 27.99 -21.78
C GLY A 337 23.25 27.10 -22.98
N GLN A 338 24.50 26.77 -23.23
CA GLN A 338 24.87 25.92 -24.35
C GLN A 338 24.52 24.47 -24.07
N VAL A 339 24.21 23.74 -25.13
CA VAL A 339 23.83 22.33 -25.02
C VAL A 339 25.07 21.48 -25.22
N LEU A 340 25.06 20.29 -24.61
CA LEU A 340 26.20 19.37 -24.69
C LEU A 340 25.67 17.96 -24.88
N SER A 341 26.04 17.33 -25.99
CA SER A 341 25.62 15.97 -26.30
C SER A 341 26.74 14.99 -26.01
N VAL A 342 26.39 13.86 -25.39
CA VAL A 342 27.38 12.86 -24.99
C VAL A 342 26.74 11.49 -25.08
N MET A 343 27.44 10.54 -25.70
CA MET A 343 26.98 9.17 -25.80
C MET A 343 27.74 8.30 -24.80
N PHE A 344 27.02 7.36 -24.18
CA PHE A 344 27.65 6.47 -23.21
C PHE A 344 26.80 5.21 -23.07
N ARG A 345 27.20 4.35 -22.15
CA ARG A 345 26.50 3.10 -21.88
C ARG A 345 25.84 3.15 -20.50
N PHE A 346 24.62 2.67 -20.44
CA PHE A 346 23.78 2.73 -19.24
C PHE A 346 23.39 1.32 -18.83
N ARG A 347 23.68 0.98 -17.58
CA ARG A 347 23.32 -0.33 -17.04
C ARG A 347 21.82 -0.37 -16.81
N SER A 348 21.08 -1.04 -17.70
CA SER A 348 19.64 -1.11 -17.59
C SER A 348 19.24 -1.94 -16.36
N LYS A 349 17.92 -2.00 -16.12
CA LYS A 349 17.42 -2.75 -14.96
C LYS A 349 17.82 -4.21 -15.04
N ASN A 350 17.76 -4.80 -16.24
CA ASN A 350 18.20 -6.17 -16.47
C ASN A 350 19.71 -6.30 -16.53
N GLN A 351 20.46 -5.38 -15.92
CA GLN A 351 21.92 -5.42 -15.90
C GLN A 351 22.51 -5.49 -17.31
N GLU A 352 21.78 -4.96 -18.29
CA GLU A 352 22.21 -4.96 -19.68
C GLU A 352 22.66 -3.56 -20.08
N TRP A 353 23.71 -3.47 -20.87
CA TRP A 353 24.22 -2.18 -21.34
C TRP A 353 23.37 -1.68 -22.50
N LEU A 354 22.84 -0.47 -22.36
CA LEU A 354 22.18 0.26 -23.44
C LEU A 354 23.07 1.43 -23.85
N TRP A 355 22.90 1.91 -25.07
CA TRP A 355 23.59 3.10 -25.54
C TRP A 355 22.65 4.29 -25.42
N MET A 356 23.09 5.32 -24.68
CA MET A 356 22.28 6.49 -24.41
C MET A 356 22.98 7.74 -24.91
N ARG A 357 22.21 8.61 -25.57
CA ARG A 357 22.67 9.94 -25.95
C ARG A 357 22.00 10.95 -25.03
N THR A 358 22.81 11.67 -24.26
CA THR A 358 22.33 12.63 -23.28
C THR A 358 22.66 14.04 -23.75
N SER A 359 21.63 14.88 -23.80
CA SER A 359 21.79 16.30 -24.11
C SER A 359 21.58 17.09 -22.82
N SER A 360 22.61 17.77 -22.36
CA SER A 360 22.60 18.46 -21.08
C SER A 360 22.80 19.95 -21.28
N PHE A 361 22.03 20.75 -20.53
CA PHE A 361 22.28 22.18 -20.41
C PHE A 361 21.95 22.61 -18.99
N THR A 362 22.15 23.89 -18.70
CA THR A 362 22.02 24.40 -17.34
C THR A 362 20.88 25.40 -17.25
N PHE A 363 20.19 25.40 -16.10
CA PHE A 363 19.11 26.33 -15.81
C PHE A 363 19.64 27.48 -14.97
N GLN A 364 19.42 28.72 -15.43
CA GLN A 364 19.94 29.90 -14.77
C GLN A 364 18.82 30.61 -14.01
N ASN A 365 19.08 30.90 -12.73
CA ASN A 365 18.19 31.74 -11.94
C ASN A 365 18.06 33.09 -12.62
N PRO A 366 16.86 33.49 -13.06
CA PRO A 366 16.73 34.68 -13.89
C PRO A 366 17.07 36.00 -13.20
N TYR A 367 17.44 35.95 -11.92
CA TYR A 367 17.89 37.14 -11.22
C TYR A 367 19.39 37.16 -10.97
N SER A 368 19.94 36.09 -10.39
CA SER A 368 21.35 36.02 -10.06
C SER A 368 22.17 35.23 -11.08
N ASP A 369 21.52 34.70 -12.12
CA ASP A 369 22.20 33.95 -13.19
C ASP A 369 23.04 32.80 -12.64
N GLU A 370 22.64 32.27 -11.48
CA GLU A 370 23.35 31.15 -10.88
C GLU A 370 22.76 29.84 -11.38
N ILE A 371 23.56 28.78 -11.29
CA ILE A 371 23.19 27.47 -11.81
C ILE A 371 22.30 26.77 -10.80
N GLU A 372 21.03 26.57 -11.16
CA GLU A 372 20.12 25.86 -10.27
C GLU A 372 20.31 24.36 -10.37
N TYR A 373 20.29 23.82 -11.59
CA TYR A 373 20.49 22.39 -11.82
C TYR A 373 20.80 22.17 -13.29
N ILE A 374 21.04 20.91 -13.64
CA ILE A 374 21.41 20.49 -14.99
C ILE A 374 20.27 19.65 -15.55
N ILE A 375 19.73 20.09 -16.68
CA ILE A 375 18.64 19.39 -17.36
C ILE A 375 19.25 18.50 -18.43
N CYS A 376 18.93 17.21 -18.35
CA CYS A 376 19.38 16.21 -19.30
C CYS A 376 18.18 15.60 -20.02
N THR A 377 18.31 15.40 -21.32
CA THR A 377 17.40 14.60 -22.12
C THR A 377 18.18 13.35 -22.53
N ASN A 378 17.79 12.20 -22.00
CA ASN A 378 18.49 10.95 -22.23
C ASN A 378 17.66 10.10 -23.19
N THR A 379 18.22 9.81 -24.35
CA THR A 379 17.51 9.12 -25.42
C THR A 379 18.20 7.79 -25.74
N ASN A 380 17.39 6.81 -26.10
CA ASN A 380 17.90 5.52 -26.54
C ASN A 380 18.48 5.61 -27.94
N VAL A 381 19.49 4.78 -28.20
CA VAL A 381 20.14 4.75 -29.50
C VAL A 381 20.05 3.35 -30.10
N SER B 9 -51.06 -32.28 17.07
CA SER B 9 -49.91 -32.26 16.17
C SER B 9 -50.13 -33.17 14.97
N ASN B 10 -49.10 -33.33 14.15
CA ASN B 10 -49.13 -34.18 12.98
C ASN B 10 -47.69 -34.51 12.59
N PRO B 11 -47.47 -35.60 11.84
CA PRO B 11 -46.08 -36.03 11.57
C PRO B 11 -45.26 -35.00 10.82
N SER B 12 -45.86 -34.24 9.90
CA SER B 12 -45.11 -33.23 9.16
C SER B 12 -44.50 -32.20 10.10
N LYS B 13 -45.31 -31.68 11.03
CA LYS B 13 -44.81 -30.68 11.96
C LYS B 13 -43.72 -31.26 12.86
N ARG B 14 -43.85 -32.54 13.23
CA ARG B 14 -42.84 -33.14 14.10
C ARG B 14 -41.51 -33.32 13.37
N HIS B 15 -41.56 -33.74 12.11
CA HIS B 15 -40.33 -33.83 11.32
C HIS B 15 -39.70 -32.45 11.14
N ARG B 16 -40.52 -31.44 10.81
CA ARG B 16 -39.98 -30.10 10.66
C ARG B 16 -39.41 -29.57 11.97
N ASP B 17 -40.00 -29.94 13.10
CA ASP B 17 -39.50 -29.48 14.38
C ASP B 17 -38.18 -30.15 14.74
N ARG B 18 -38.04 -31.44 14.43
CA ARG B 18 -36.73 -32.08 14.61
C ARG B 18 -35.67 -31.42 13.73
N LEU B 19 -36.04 -31.10 12.49
CA LEU B 19 -35.11 -30.42 11.59
C LEU B 19 -34.70 -29.05 12.15
N ASN B 20 -35.68 -28.28 12.65
CA ASN B 20 -35.36 -26.97 13.19
C ASN B 20 -34.55 -27.07 14.48
N THR B 21 -34.78 -28.11 15.28
CA THR B 21 -33.98 -28.31 16.48
C THR B 21 -32.53 -28.59 16.12
N GLU B 22 -32.29 -29.46 15.13
CA GLU B 22 -30.93 -29.72 14.69
C GLU B 22 -30.29 -28.48 14.08
N LEU B 23 -31.09 -27.66 13.37
CA LEU B 23 -30.56 -26.43 12.80
C LEU B 23 -30.16 -25.44 13.89
N ASP B 24 -30.95 -25.34 14.96
CA ASP B 24 -30.57 -24.46 16.07
C ASP B 24 -29.35 -24.99 16.80
N ARG B 25 -29.24 -26.31 16.93
CA ARG B 25 -28.03 -26.90 17.52
C ARG B 25 -26.80 -26.57 16.70
N LEU B 26 -26.92 -26.62 15.37
CA LEU B 26 -25.81 -26.19 14.51
C LEU B 26 -25.51 -24.71 14.69
N ALA B 27 -26.57 -23.89 14.78
CA ALA B 27 -26.37 -22.44 14.84
C ALA B 27 -25.66 -22.01 16.11
N SER B 28 -26.03 -22.60 17.25
CA SER B 28 -25.41 -22.22 18.52
C SER B 28 -23.94 -22.56 18.58
N LEU B 29 -23.47 -23.51 17.76
CA LEU B 29 -22.08 -23.94 17.77
C LEU B 29 -21.18 -23.11 16.86
N LEU B 30 -21.75 -22.21 16.05
CA LEU B 30 -20.94 -21.45 15.11
C LEU B 30 -20.01 -20.49 15.85
N PRO B 31 -18.79 -20.27 15.34
CA PRO B 31 -17.83 -19.38 16.01
C PRO B 31 -18.09 -17.90 15.68
N PHE B 32 -19.26 -17.42 16.07
CA PHE B 32 -19.63 -16.03 15.87
C PHE B 32 -20.26 -15.47 17.15
N PRO B 33 -20.16 -14.16 17.36
CA PRO B 33 -20.83 -13.57 18.52
C PRO B 33 -22.33 -13.82 18.49
N GLN B 34 -22.93 -13.83 19.68
CA GLN B 34 -24.34 -14.20 19.81
C GLN B 34 -25.24 -13.24 19.06
N ASP B 35 -24.89 -11.94 19.04
CA ASP B 35 -25.70 -10.98 18.30
C ASP B 35 -25.66 -11.25 16.80
N VAL B 36 -24.58 -11.85 16.31
CA VAL B 36 -24.50 -12.21 14.90
C VAL B 36 -25.30 -13.48 14.63
N ILE B 37 -25.25 -14.45 15.54
CA ILE B 37 -25.95 -15.71 15.33
C ILE B 37 -27.46 -15.50 15.40
N ASN B 38 -27.93 -14.68 16.34
CA ASN B 38 -29.37 -14.48 16.50
C ASN B 38 -30.01 -13.83 15.28
N LYS B 39 -29.23 -13.10 14.48
CA LYS B 39 -29.75 -12.46 13.28
C LYS B 39 -29.54 -13.29 12.02
N LEU B 40 -29.21 -14.57 12.17
CA LEU B 40 -28.96 -15.45 11.04
C LEU B 40 -30.24 -16.18 10.62
N ASP B 41 -30.26 -16.61 9.37
CA ASP B 41 -31.32 -17.46 8.83
C ASP B 41 -30.80 -18.87 8.64
N LYS B 42 -31.74 -19.82 8.52
CA LYS B 42 -31.39 -21.24 8.46
C LYS B 42 -30.41 -21.52 7.32
N LEU B 43 -30.61 -20.87 6.20
CA LEU B 43 -29.79 -21.11 5.00
C LEU B 43 -28.36 -20.66 5.22
N SER B 44 -28.17 -19.47 5.77
CA SER B 44 -26.82 -19.01 6.08
C SER B 44 -26.24 -19.75 7.27
N VAL B 45 -27.07 -20.28 8.16
CA VAL B 45 -26.58 -21.15 9.23
C VAL B 45 -25.90 -22.38 8.64
N LEU B 46 -26.61 -23.09 7.74
CA LEU B 46 -26.03 -24.25 7.07
C LEU B 46 -24.78 -23.85 6.28
N ARG B 47 -24.83 -22.72 5.60
CA ARG B 47 -23.71 -22.26 4.80
C ARG B 47 -22.47 -22.03 5.66
N LEU B 48 -22.65 -21.36 6.81
CA LEU B 48 -21.52 -21.09 7.68
C LEU B 48 -21.03 -22.35 8.38
N SER B 49 -21.92 -23.30 8.66
CA SER B 49 -21.48 -24.59 9.18
C SER B 49 -20.56 -25.29 8.18
N VAL B 50 -21.01 -25.38 6.92
CA VAL B 50 -20.18 -25.98 5.88
C VAL B 50 -18.85 -25.24 5.77
N SER B 51 -18.88 -23.91 5.82
CA SER B 51 -17.66 -23.13 5.67
C SER B 51 -16.68 -23.42 6.79
N TYR B 52 -17.16 -23.41 8.04
CA TYR B 52 -16.30 -23.74 9.17
C TYR B 52 -15.71 -25.12 9.03
N LEU B 53 -16.52 -26.09 8.59
CA LEU B 53 -16.01 -27.45 8.42
C LEU B 53 -14.91 -27.52 7.36
N ARG B 54 -15.13 -26.86 6.22
CA ARG B 54 -14.13 -26.90 5.15
C ARG B 54 -12.84 -26.19 5.55
N ALA B 55 -12.97 -25.07 6.27
CA ALA B 55 -11.79 -24.37 6.76
C ALA B 55 -11.00 -25.23 7.74
N LYS B 56 -11.69 -25.84 8.70
CA LYS B 56 -11.02 -26.72 9.65
C LYS B 56 -10.38 -27.91 8.94
N SER B 57 -11.05 -28.44 7.92
CA SER B 57 -10.49 -29.57 7.18
C SER B 57 -9.21 -29.17 6.45
N PHE B 58 -9.20 -27.97 5.85
CA PHE B 58 -8.00 -27.50 5.17
C PHE B 58 -6.86 -27.26 6.16
N PHE B 59 -7.16 -26.64 7.30
CA PHE B 59 -6.13 -26.37 8.29
C PHE B 59 -5.67 -27.63 9.01
N ASP B 60 -6.46 -28.66 8.92
CA ASP B 60 -6.09 -29.91 9.62
C ASP B 60 -4.96 -30.59 8.86
N VAL B 61 -4.52 -30.00 7.77
CA VAL B 61 -3.50 -30.61 6.88
C VAL B 61 -2.43 -29.57 6.64
N SER B 62 -2.83 -28.35 6.38
CA SER B 62 -1.82 -27.34 6.02
C SER B 62 -1.18 -26.68 7.21
N LEU B 63 -1.78 -26.76 8.37
CA LEU B 63 -1.23 -26.04 9.51
C LEU B 63 -0.74 -27.03 10.56
N LYS B 64 0.43 -26.73 11.14
CA LYS B 64 1.03 -27.51 12.23
C LYS B 64 1.20 -28.98 11.83
N GLY B 72 4.87 -19.48 17.67
CA GLY B 72 5.66 -19.46 18.89
C GLY B 72 6.92 -18.60 18.79
N VAL B 73 7.43 -18.18 19.95
CA VAL B 73 8.65 -17.35 20.16
C VAL B 73 9.87 -18.22 20.46
N GLN B 74 11.00 -17.94 19.82
CA GLN B 74 12.26 -18.68 20.04
C GLN B 74 12.56 -18.65 21.53
N ASP B 75 12.59 -19.82 22.16
CA ASP B 75 12.76 -20.06 23.59
C ASP B 75 13.88 -19.20 24.15
N ASN B 76 14.86 -18.84 23.32
CA ASN B 76 15.95 -17.98 23.75
C ASN B 76 15.47 -16.58 24.14
N CYS B 77 14.33 -16.15 23.60
CA CYS B 77 13.84 -14.79 23.78
C CYS B 77 12.40 -14.78 24.29
N ARG B 78 12.06 -15.74 25.16
CA ARG B 78 10.69 -15.95 25.59
C ARG B 78 10.45 -15.22 26.91
N THR B 79 9.58 -14.21 26.88
CA THR B 79 9.06 -13.57 28.07
C THR B 79 7.54 -13.60 28.02
N LYS B 80 6.92 -13.44 29.20
CA LYS B 80 5.47 -13.53 29.30
C LYS B 80 4.78 -12.54 28.37
N PHE B 81 5.27 -11.29 28.34
CA PHE B 81 4.68 -10.28 27.47
C PHE B 81 4.87 -10.65 25.99
N ARG B 82 6.03 -11.22 25.65
CA ARG B 82 6.26 -11.65 24.28
C ARG B 82 5.33 -12.81 23.90
N GLU B 83 5.04 -13.71 24.84
CA GLU B 83 4.08 -14.77 24.58
C GLU B 83 2.68 -14.22 24.38
N GLY B 84 2.30 -13.23 25.20
CA GLY B 84 1.00 -12.60 25.01
C GLY B 84 0.88 -11.94 23.64
N LEU B 85 1.92 -11.22 23.22
CA LEU B 85 1.93 -10.65 21.87
C LEU B 85 1.85 -11.74 20.81
N ASN B 86 2.55 -12.86 21.02
CA ASN B 86 2.55 -13.95 20.05
C ASN B 86 1.16 -14.58 19.93
N LEU B 87 0.37 -14.54 21.00
CA LEU B 87 -0.98 -15.10 20.94
C LEU B 87 -1.93 -14.27 20.09
N GLN B 88 -1.58 -13.00 19.80
CA GLN B 88 -2.38 -12.14 18.94
C GLN B 88 -1.67 -11.75 17.65
N GLU B 89 -0.45 -12.25 17.45
CA GLU B 89 0.30 -12.14 16.20
C GLU B 89 -0.57 -12.10 14.96
N GLY B 90 -1.57 -12.99 14.89
CA GLY B 90 -2.43 -13.03 13.71
C GLY B 90 -3.23 -11.75 13.53
N GLU B 91 -3.88 -11.28 14.61
CA GLU B 91 -4.63 -10.03 14.51
C GLU B 91 -3.72 -8.84 14.28
N PHE B 92 -2.52 -8.86 14.87
CA PHE B 92 -1.54 -7.81 14.59
C PHE B 92 -1.22 -7.75 13.10
N LEU B 93 -0.98 -8.92 12.49
CA LEU B 93 -0.75 -8.97 11.05
C LEU B 93 -1.96 -8.46 10.26
N LEU B 94 -3.16 -8.87 10.68
CA LEU B 94 -4.37 -8.46 9.97
C LEU B 94 -4.56 -6.95 10.02
N GLN B 95 -4.18 -6.33 11.13
CA GLN B 95 -4.29 -4.88 11.25
C GLN B 95 -3.17 -4.17 10.48
N ALA B 96 -1.98 -4.77 10.41
CA ALA B 96 -0.92 -4.22 9.60
C ALA B 96 -1.11 -4.47 8.11
N LEU B 97 -2.12 -5.25 7.74
CA LEU B 97 -2.37 -5.51 6.33
C LEU B 97 -2.76 -4.25 5.57
N ASN B 98 -3.55 -3.37 6.20
CA ASN B 98 -4.18 -2.24 5.52
C ASN B 98 -5.07 -2.73 4.37
N GLY B 99 -5.96 -3.65 4.69
CA GLY B 99 -6.85 -4.23 3.71
C GLY B 99 -7.56 -5.44 4.28
N PHE B 100 -7.62 -6.53 3.51
CA PHE B 100 -8.21 -7.75 4.05
C PHE B 100 -7.70 -8.97 3.29
N VAL B 101 -7.92 -10.14 3.89
CA VAL B 101 -7.52 -11.40 3.30
C VAL B 101 -8.69 -11.97 2.52
N LEU B 102 -8.39 -12.65 1.41
CA LEU B 102 -9.43 -13.28 0.60
C LEU B 102 -8.88 -14.57 0.02
N VAL B 103 -9.50 -15.69 0.37
CA VAL B 103 -9.19 -16.99 -0.23
C VAL B 103 -10.41 -17.40 -1.04
N VAL B 104 -10.20 -17.63 -2.34
CA VAL B 104 -11.26 -17.91 -3.31
C VAL B 104 -10.95 -19.20 -4.05
N THR B 105 -11.94 -20.07 -4.19
CA THR B 105 -11.74 -21.37 -4.83
C THR B 105 -11.80 -21.23 -6.35
N THR B 106 -11.55 -22.35 -7.05
CA THR B 106 -11.69 -22.35 -8.51
C THR B 106 -13.13 -22.10 -8.92
N ASP B 107 -14.09 -22.49 -8.08
CA ASP B 107 -15.50 -22.22 -8.31
C ASP B 107 -15.89 -20.79 -7.97
N ALA B 108 -14.91 -19.90 -7.82
CA ALA B 108 -15.13 -18.48 -7.54
C ALA B 108 -15.87 -18.28 -6.21
N LEU B 109 -15.94 -19.31 -5.38
CA LEU B 109 -16.52 -19.19 -4.05
C LEU B 109 -15.50 -18.60 -3.08
N VAL B 110 -16.00 -17.80 -2.14
CA VAL B 110 -15.15 -17.18 -1.13
C VAL B 110 -14.90 -18.22 -0.04
N PHE B 111 -13.74 -18.86 -0.10
CA PHE B 111 -13.37 -19.79 0.97
C PHE B 111 -13.20 -19.06 2.29
N TYR B 112 -12.66 -17.85 2.24
CA TYR B 112 -12.57 -17.04 3.46
C TYR B 112 -12.38 -15.57 3.11
N ALA B 113 -12.90 -14.71 3.98
CA ALA B 113 -12.65 -13.27 3.94
C ALA B 113 -12.52 -12.78 5.37
N SER B 114 -11.48 -12.02 5.66
CA SER B 114 -11.27 -11.56 7.02
C SER B 114 -12.31 -10.52 7.41
N SER B 115 -12.42 -10.28 8.72
CA SER B 115 -13.42 -9.35 9.23
C SER B 115 -13.21 -7.94 8.70
N THR B 116 -11.95 -7.54 8.49
CA THR B 116 -11.65 -6.18 8.08
C THR B 116 -12.24 -5.82 6.72
N ILE B 117 -12.82 -6.78 5.99
CA ILE B 117 -13.54 -6.43 4.76
C ILE B 117 -14.66 -5.45 5.07
N GLN B 118 -15.29 -5.60 6.25
CA GLN B 118 -16.31 -4.66 6.66
C GLN B 118 -15.76 -3.24 6.82
N ASP B 119 -14.50 -3.12 7.23
CA ASP B 119 -13.87 -1.80 7.36
C ASP B 119 -13.47 -1.21 6.02
N TYR B 120 -13.62 -1.94 4.91
CA TYR B 120 -13.18 -1.43 3.61
C TYR B 120 -14.29 -1.48 2.57
N LEU B 121 -15.19 -2.45 2.69
CA LEU B 121 -16.28 -2.60 1.73
C LEU B 121 -17.67 -2.48 2.33
N GLY B 122 -17.82 -2.63 3.64
CA GLY B 122 -19.11 -2.58 4.27
C GLY B 122 -19.82 -3.92 4.39
N PHE B 123 -19.29 -4.98 3.78
CA PHE B 123 -19.90 -6.29 3.87
C PHE B 123 -19.51 -6.99 5.16
N GLN B 124 -20.45 -7.70 5.74
CA GLN B 124 -20.18 -8.52 6.93
C GLN B 124 -19.45 -9.80 6.52
N GLN B 125 -18.45 -10.15 7.32
CA GLN B 125 -17.69 -11.38 7.09
C GLN B 125 -18.61 -12.59 7.01
N SER B 126 -19.66 -12.60 7.83
CA SER B 126 -20.58 -13.73 7.87
C SER B 126 -21.41 -13.87 6.61
N ASP B 127 -21.61 -12.78 5.87
CA ASP B 127 -22.42 -12.82 4.65
C ASP B 127 -21.60 -13.09 3.39
N VAL B 128 -20.29 -12.90 3.46
CA VAL B 128 -19.45 -13.07 2.27
C VAL B 128 -18.99 -14.53 2.12
N ILE B 129 -18.74 -15.22 3.23
CA ILE B 129 -18.10 -16.53 3.17
C ILE B 129 -19.01 -17.54 2.48
N HIS B 130 -18.41 -18.38 1.63
CA HIS B 130 -19.06 -19.43 0.87
C HIS B 130 -20.06 -18.88 -0.14
N GLN B 131 -19.91 -17.62 -0.53
CA GLN B 131 -20.69 -17.01 -1.59
C GLN B 131 -19.80 -16.79 -2.81
N SER B 132 -20.44 -16.52 -3.93
CA SER B 132 -19.69 -16.22 -5.15
C SER B 132 -18.90 -14.93 -4.96
N VAL B 133 -17.65 -14.94 -5.44
CA VAL B 133 -16.83 -13.73 -5.32
C VAL B 133 -17.27 -12.69 -6.33
N TYR B 134 -17.89 -13.11 -7.44
CA TYR B 134 -18.33 -12.16 -8.46
C TYR B 134 -19.45 -11.26 -7.98
N GLU B 135 -20.19 -11.66 -6.93
CA GLU B 135 -21.15 -10.76 -6.32
C GLU B 135 -20.50 -9.50 -5.76
N LEU B 136 -19.20 -9.56 -5.45
CA LEU B 136 -18.48 -8.41 -4.93
C LEU B 136 -17.64 -7.70 -5.98
N ILE B 137 -17.47 -8.30 -7.15
CA ILE B 137 -16.60 -7.75 -8.19
C ILE B 137 -17.45 -6.98 -9.19
N HIS B 138 -16.88 -5.92 -9.74
CA HIS B 138 -17.52 -5.16 -10.80
C HIS B 138 -17.66 -6.01 -12.06
N THR B 139 -18.71 -5.75 -12.83
CA THR B 139 -18.98 -6.54 -14.02
C THR B 139 -17.90 -6.34 -15.10
N GLU B 140 -17.25 -5.18 -15.11
CA GLU B 140 -16.20 -4.92 -16.10
C GLU B 140 -14.88 -5.59 -15.74
N ASP B 141 -14.70 -6.02 -14.50
CA ASP B 141 -13.43 -6.60 -14.06
C ASP B 141 -13.50 -8.10 -13.83
N ARG B 142 -14.69 -8.68 -13.70
CA ARG B 142 -14.83 -10.10 -13.37
C ARG B 142 -13.98 -10.98 -14.29
N ALA B 143 -14.08 -10.75 -15.60
CA ALA B 143 -13.29 -11.52 -16.56
C ALA B 143 -11.82 -11.53 -16.18
N GLU B 144 -11.25 -10.35 -15.91
CA GLU B 144 -9.85 -10.27 -15.48
C GLU B 144 -9.61 -11.19 -14.30
N PHE B 145 -10.45 -11.09 -13.26
CA PHE B 145 -10.31 -11.95 -12.09
C PHE B 145 -10.26 -13.41 -12.50
N GLN B 146 -11.13 -13.83 -13.42
CA GLN B 146 -11.17 -15.23 -13.83
C GLN B 146 -9.83 -15.65 -14.42
N ARG B 147 -9.21 -14.78 -15.23
CA ARG B 147 -7.92 -15.16 -15.81
C ARG B 147 -6.85 -15.27 -14.75
N GLN B 148 -7.00 -14.56 -13.64
CA GLN B 148 -6.09 -14.72 -12.51
C GLN B 148 -6.38 -15.98 -11.71
N LEU B 149 -7.58 -16.54 -11.82
CA LEU B 149 -7.91 -17.78 -11.13
C LEU B 149 -7.39 -19.00 -11.87
N HIS B 150 -7.08 -18.89 -13.16
CA HIS B 150 -6.62 -20.03 -13.94
C HIS B 150 -5.42 -19.66 -14.80
N ASN B 187 5.27 -21.33 -18.29
CA ASN B 187 3.98 -20.78 -18.66
C ASN B 187 2.97 -20.89 -17.53
N SER B 188 3.41 -21.45 -16.40
CA SER B 188 2.48 -21.78 -15.32
C SER B 188 3.16 -21.56 -13.96
N PHE B 189 3.54 -20.31 -13.69
CA PHE B 189 4.04 -19.95 -12.37
C PHE B 189 2.85 -19.56 -11.48
N MET B 190 3.14 -19.32 -10.20
CA MET B 190 2.11 -19.30 -9.16
C MET B 190 1.74 -17.92 -8.67
N GLU B 191 2.72 -17.04 -8.43
CA GLU B 191 2.44 -15.74 -7.81
C GLU B 191 1.55 -14.88 -8.71
N ARG B 192 0.74 -14.04 -8.07
CA ARG B 192 -0.25 -13.22 -8.75
C ARG B 192 -0.28 -11.83 -8.16
N CYS B 193 -0.51 -10.84 -9.02
CA CYS B 193 -0.64 -9.45 -8.60
C CYS B 193 -1.43 -8.70 -9.66
N PHE B 194 -2.54 -8.08 -9.27
CA PHE B 194 -3.39 -7.40 -10.25
C PHE B 194 -4.25 -6.37 -9.51
N VAL B 195 -5.21 -5.79 -10.24
CA VAL B 195 -6.09 -4.74 -9.71
C VAL B 195 -7.52 -5.05 -10.12
N CYS B 196 -8.47 -4.78 -9.22
CA CYS B 196 -9.89 -4.97 -9.50
C CYS B 196 -10.68 -3.86 -8.84
N ARG B 197 -12.00 -3.90 -9.02
CA ARG B 197 -12.90 -2.94 -8.40
C ARG B 197 -14.01 -3.70 -7.69
N LEU B 198 -14.14 -3.48 -6.39
CA LEU B 198 -15.07 -4.22 -5.56
C LEU B 198 -16.13 -3.29 -4.99
N ARG B 199 -17.33 -3.84 -4.80
CA ARG B 199 -18.45 -3.07 -4.28
C ARG B 199 -18.14 -2.52 -2.89
N CYS B 200 -18.45 -1.23 -2.69
CA CYS B 200 -18.20 -0.55 -1.43
C CYS B 200 -19.50 0.08 -0.96
N LEU B 201 -20.03 -0.39 0.17
CA LEU B 201 -21.25 0.14 0.72
C LEU B 201 -21.03 1.40 1.56
N LEU B 202 -19.76 1.76 1.83
CA LEU B 202 -19.46 3.00 2.53
C LEU B 202 -19.42 4.19 1.59
N ASP B 203 -19.24 3.96 0.29
CA ASP B 203 -19.14 5.00 -0.72
C ASP B 203 -20.47 5.73 -0.86
N GLY B 207 -21.14 3.09 -6.01
CA GLY B 207 -19.94 3.12 -5.19
C GLY B 207 -19.07 1.88 -5.33
N PHE B 208 -17.82 2.09 -5.75
CA PHE B 208 -16.86 1.01 -5.91
C PHE B 208 -15.50 1.46 -5.40
N LEU B 209 -14.63 0.50 -5.15
CA LEU B 209 -13.27 0.78 -4.72
C LEU B 209 -12.29 -0.06 -5.53
N ALA B 210 -11.31 0.60 -6.13
CA ALA B 210 -10.25 -0.10 -6.83
C ALA B 210 -9.21 -0.58 -5.82
N MET B 211 -8.85 -1.85 -5.91
CA MET B 211 -7.96 -2.48 -4.95
C MET B 211 -6.94 -3.36 -5.67
N ASN B 212 -5.71 -3.31 -5.16
CA ASN B 212 -4.64 -4.18 -5.60
C ASN B 212 -4.70 -5.50 -4.84
N PHE B 213 -4.72 -6.60 -5.59
CA PHE B 213 -4.71 -7.95 -5.04
C PHE B 213 -3.31 -8.53 -5.24
N GLN B 214 -2.67 -8.93 -4.15
CA GLN B 214 -1.37 -9.60 -4.19
C GLN B 214 -1.51 -10.96 -3.53
N GLY B 215 -1.20 -12.02 -4.25
CA GLY B 215 -1.41 -13.33 -3.68
C GLY B 215 -0.74 -14.44 -4.47
N ARG B 216 -1.26 -15.65 -4.27
CA ARG B 216 -0.68 -16.84 -4.86
C ARG B 216 -1.77 -17.87 -5.13
N LEU B 217 -1.48 -18.78 -6.06
CA LEU B 217 -2.33 -19.92 -6.32
C LEU B 217 -1.74 -21.15 -5.63
N LYS B 218 -2.48 -21.70 -4.67
CA LYS B 218 -2.03 -22.86 -3.93
C LYS B 218 -3.16 -23.87 -3.84
N TYR B 219 -2.80 -25.13 -3.66
CA TYR B 219 -3.80 -26.18 -3.63
C TYR B 219 -4.60 -26.14 -2.34
N LEU B 220 -5.93 -26.15 -2.47
CA LEU B 220 -6.85 -26.13 -1.33
C LEU B 220 -7.14 -27.57 -0.95
N HIS B 221 -6.40 -28.09 0.01
CA HIS B 221 -6.48 -29.49 0.39
C HIS B 221 -7.73 -29.76 1.25
N GLY B 222 -8.09 -31.03 1.32
CA GLY B 222 -9.14 -31.50 2.22
C GLY B 222 -10.51 -30.94 1.95
N GLN B 223 -10.96 -30.99 0.69
CA GLN B 223 -12.29 -30.52 0.33
C GLN B 223 -13.19 -31.65 -0.14
N ASN B 224 -12.70 -32.89 -0.20
CA ASN B 224 -13.52 -34.08 -0.38
C ASN B 224 -14.41 -34.01 -1.62
N LYS B 225 -13.94 -33.34 -2.66
CA LYS B 225 -14.73 -33.21 -3.88
C LYS B 225 -14.84 -34.54 -4.60
N LYS B 226 -15.96 -34.74 -5.28
CA LYS B 226 -16.17 -35.94 -6.09
C LYS B 226 -17.03 -35.61 -7.30
N ILE B 232 -13.06 -39.57 -6.11
CA ILE B 232 -12.48 -38.54 -5.25
C ILE B 232 -11.52 -37.67 -6.05
N LEU B 233 -11.86 -36.40 -6.17
CA LEU B 233 -11.07 -35.47 -6.96
C LEU B 233 -9.77 -35.10 -6.23
N PRO B 234 -8.76 -34.67 -6.97
CA PRO B 234 -7.59 -34.03 -6.34
C PRO B 234 -7.93 -32.59 -5.99
N PRO B 235 -7.15 -31.96 -5.10
CA PRO B 235 -7.49 -30.60 -4.67
C PRO B 235 -7.36 -29.61 -5.83
N GLN B 236 -8.18 -28.56 -5.77
CA GLN B 236 -8.17 -27.50 -6.75
C GLN B 236 -7.17 -26.41 -6.35
N LEU B 237 -7.00 -25.42 -7.22
CA LEU B 237 -6.06 -24.34 -6.99
C LEU B 237 -6.84 -23.11 -6.56
N ALA B 238 -6.72 -22.74 -5.29
CA ALA B 238 -7.37 -21.56 -4.75
C ALA B 238 -6.40 -20.39 -4.74
N LEU B 239 -6.98 -19.19 -4.87
CA LEU B 239 -6.23 -17.94 -4.77
C LEU B 239 -6.25 -17.47 -3.32
N PHE B 240 -5.07 -17.39 -2.72
CA PHE B 240 -4.85 -16.79 -1.41
C PHE B 240 -4.29 -15.39 -1.68
N ALA B 241 -5.10 -14.36 -1.45
CA ALA B 241 -4.74 -13.01 -1.84
C ALA B 241 -4.98 -12.04 -0.69
N ILE B 242 -4.28 -10.91 -0.76
CA ILE B 242 -4.44 -9.78 0.13
C ILE B 242 -4.88 -8.60 -0.71
N ALA B 243 -6.02 -8.00 -0.36
CA ALA B 243 -6.59 -6.89 -1.08
C ALA B 243 -6.33 -5.61 -0.30
N THR B 244 -5.74 -4.62 -0.96
CA THR B 244 -5.44 -3.32 -0.38
C THR B 244 -5.96 -2.21 -1.28
N PRO B 245 -6.24 -1.03 -0.72
CA PRO B 245 -6.69 0.09 -1.55
C PRO B 245 -5.61 0.61 -2.50
N LEU B 246 -5.89 1.71 -3.20
CA LEU B 246 -4.97 2.31 -4.14
C LEU B 246 -4.56 3.71 -3.68
N GLN B 247 -3.44 4.18 -4.22
CA GLN B 247 -2.89 5.49 -3.85
C GLN B 247 -2.76 6.38 -5.07
N ARG B 255 -9.91 21.02 2.47
CA ARG B 255 -9.96 22.34 3.09
C ARG B 255 -9.44 23.41 2.15
N THR B 256 -9.43 23.09 0.84
CA THR B 256 -8.88 24.01 -0.16
C THR B 256 -9.69 25.29 -0.26
N LYS B 257 -10.92 25.30 0.26
CA LYS B 257 -11.77 26.49 0.22
C LYS B 257 -11.14 27.64 1.01
N ASN B 258 -10.40 28.49 0.30
CA ASN B 258 -9.70 29.65 0.88
C ASN B 258 -8.73 29.18 1.97
N PHE B 259 -7.67 28.52 1.51
CA PHE B 259 -6.55 28.18 2.37
C PHE B 259 -5.31 28.91 1.87
N ILE B 260 -5.41 30.24 1.78
CA ILE B 260 -4.37 31.06 1.19
C ILE B 260 -3.23 31.22 2.19
N PHE B 261 -2.01 30.98 1.73
CA PHE B 261 -0.81 31.17 2.55
C PHE B 261 0.19 32.03 1.80
N ARG B 262 1.01 32.77 2.55
CA ARG B 262 1.99 33.67 1.96
C ARG B 262 3.39 33.25 2.39
N THR B 263 4.34 33.39 1.46
CA THR B 263 5.74 33.09 1.73
C THR B 263 6.60 34.26 1.28
N LYS B 264 7.61 34.57 2.10
CA LYS B 264 8.58 35.61 1.80
C LYS B 264 9.82 34.97 1.20
N HIS B 265 10.40 35.63 0.20
CA HIS B 265 11.54 35.08 -0.51
C HIS B 265 12.60 36.16 -0.70
N LYS B 266 13.84 35.72 -0.90
CA LYS B 266 14.86 36.61 -1.37
C LYS B 266 14.63 36.94 -2.85
N LEU B 267 15.44 37.86 -3.38
CA LEU B 267 15.26 38.29 -4.75
C LEU B 267 15.52 37.16 -5.75
N ASP B 268 16.22 36.11 -5.34
CA ASP B 268 16.42 34.91 -6.14
C ASP B 268 15.42 33.82 -5.79
N PHE B 269 14.32 34.17 -5.10
CA PHE B 269 13.25 33.26 -4.70
C PHE B 269 13.71 32.22 -3.67
N THR B 270 14.75 32.53 -2.90
CA THR B 270 15.08 31.70 -1.75
C THR B 270 14.11 32.00 -0.62
N PRO B 271 13.32 31.02 -0.17
CA PRO B 271 12.34 31.31 0.89
C PRO B 271 13.04 31.65 2.20
N THR B 272 12.40 32.52 2.97
CA THR B 272 12.97 33.02 4.22
C THR B 272 11.91 33.02 5.31
N GLY B 273 10.64 33.12 4.91
CA GLY B 273 9.54 33.15 5.86
C GLY B 273 8.32 32.48 5.29
N CYS B 274 7.46 32.00 6.20
CA CYS B 274 6.26 31.27 5.81
C CYS B 274 5.28 31.27 6.99
N ASP B 275 3.99 31.34 6.67
CA ASP B 275 2.95 31.39 7.69
C ASP B 275 2.46 29.98 8.01
N ALA B 276 1.51 29.90 8.95
CA ALA B 276 1.09 28.61 9.49
C ALA B 276 0.46 27.73 8.42
N LYS B 277 -0.52 28.27 7.68
CA LYS B 277 -1.18 27.49 6.64
C LYS B 277 -0.19 27.01 5.59
N GLY B 278 0.89 27.76 5.38
CA GLY B 278 1.92 27.31 4.47
C GLY B 278 2.68 26.10 4.99
N LYS B 279 3.02 26.12 6.28
CA LYS B 279 3.67 24.95 6.89
C LYS B 279 2.72 23.76 6.88
N ILE B 280 1.41 24.00 6.90
CA ILE B 280 0.44 22.92 6.86
C ILE B 280 0.32 22.35 5.45
N VAL B 281 0.40 23.21 4.43
CA VAL B 281 0.26 22.75 3.05
C VAL B 281 1.52 22.06 2.57
N LEU B 282 2.67 22.69 2.77
CA LEU B 282 3.93 22.18 2.21
C LEU B 282 4.62 21.16 3.10
N GLY B 283 4.43 21.24 4.42
CA GLY B 283 4.99 20.27 5.33
C GLY B 283 6.37 20.58 5.87
N TYR B 284 6.95 21.71 5.50
CA TYR B 284 8.27 22.09 6.00
C TYR B 284 8.14 22.97 7.23
N THR B 285 9.03 22.76 8.19
CA THR B 285 9.22 23.78 9.21
C THR B 285 9.83 25.02 8.58
N GLU B 286 9.65 26.16 9.23
CA GLU B 286 10.12 27.42 8.64
C GLU B 286 11.62 27.40 8.37
N ALA B 287 12.38 26.64 9.16
CA ALA B 287 13.80 26.50 8.89
C ALA B 287 14.07 25.54 7.73
N GLU B 288 13.36 24.40 7.71
CA GLU B 288 13.56 23.42 6.65
C GLU B 288 13.28 24.02 5.27
N LEU B 289 12.44 25.05 5.20
CA LEU B 289 12.11 25.65 3.91
C LEU B 289 13.28 26.43 3.34
N CYS B 290 14.11 27.05 4.19
CA CYS B 290 15.16 27.95 3.72
C CYS B 290 16.51 27.26 3.54
N MET B 291 16.69 26.07 4.11
CA MET B 291 17.98 25.38 4.05
C MET B 291 18.20 24.62 2.76
N ARG B 292 17.22 24.58 1.85
CA ARG B 292 17.30 23.76 0.65
C ARG B 292 17.58 24.59 -0.60
N GLY B 293 18.06 25.82 -0.43
CA GLY B 293 18.43 26.65 -1.57
C GLY B 293 17.30 27.53 -2.07
N THR B 294 17.36 27.89 -3.35
CA THR B 294 16.33 28.74 -3.92
C THR B 294 15.05 27.94 -4.17
N GLY B 295 13.99 28.66 -4.53
CA GLY B 295 12.69 28.04 -4.74
C GLY B 295 12.61 27.18 -5.98
N TYR B 296 13.53 27.34 -6.94
CA TYR B 296 13.52 26.51 -8.12
C TYR B 296 13.85 25.05 -7.81
N GLN B 297 14.40 24.78 -6.62
CA GLN B 297 14.56 23.41 -6.17
C GLN B 297 13.24 22.77 -5.77
N PHE B 298 12.21 23.58 -5.53
CA PHE B 298 10.90 23.09 -5.12
C PHE B 298 9.94 22.92 -6.30
N ILE B 299 10.34 23.29 -7.50
CA ILE B 299 9.43 23.43 -8.64
C ILE B 299 9.48 22.19 -9.51
N HIS B 300 8.31 21.74 -9.95
CA HIS B 300 8.23 20.66 -10.93
C HIS B 300 8.97 21.05 -12.20
N ALA B 301 9.63 20.07 -12.82
CA ALA B 301 10.38 20.33 -14.05
C ALA B 301 9.48 20.75 -15.21
N ALA B 302 8.20 20.40 -15.16
CA ALA B 302 7.26 20.84 -16.19
C ALA B 302 6.83 22.28 -16.02
N ASP B 303 7.20 22.92 -14.90
CA ASP B 303 6.80 24.29 -14.61
C ASP B 303 7.98 25.23 -14.41
N MET B 304 9.21 24.72 -14.51
CA MET B 304 10.38 25.55 -14.23
C MET B 304 10.49 26.72 -15.21
N LEU B 305 10.17 26.50 -16.48
CA LEU B 305 10.33 27.56 -17.46
C LEU B 305 9.22 28.61 -17.35
N TYR B 306 8.01 28.17 -17.03
CA TYR B 306 6.94 29.14 -16.76
C TYR B 306 7.27 29.98 -15.53
N CYS B 307 7.79 29.34 -14.49
CA CYS B 307 8.17 30.08 -13.28
C CYS B 307 9.29 31.06 -13.57
N ALA B 308 10.27 30.66 -14.37
CA ALA B 308 11.35 31.58 -14.73
C ALA B 308 10.83 32.74 -15.57
N GLU B 309 9.91 32.46 -16.50
CA GLU B 309 9.32 33.52 -17.30
C GLU B 309 8.60 34.54 -16.42
N TYR B 310 7.78 34.04 -15.49
CA TYR B 310 7.04 34.97 -14.63
C TYR B 310 7.95 35.66 -13.63
N HIS B 311 9.08 35.04 -13.27
CA HIS B 311 10.07 35.73 -12.45
C HIS B 311 10.70 36.89 -13.22
N VAL B 312 11.02 36.68 -14.50
CA VAL B 312 11.50 37.76 -15.35
C VAL B 312 10.45 38.86 -15.44
N ARG B 313 9.18 38.48 -15.59
CA ARG B 313 8.10 39.48 -15.65
C ARG B 313 8.03 40.29 -14.37
N MET B 314 8.18 39.64 -13.21
CA MET B 314 8.13 40.37 -11.95
C MET B 314 9.35 41.26 -11.76
N ILE B 315 10.51 40.82 -12.24
CA ILE B 315 11.70 41.68 -12.20
C ILE B 315 11.48 42.91 -13.05
N LYS B 316 10.81 42.76 -14.20
CA LYS B 316 10.63 43.88 -15.11
C LYS B 316 9.60 44.87 -14.58
N THR B 317 8.42 44.37 -14.16
CA THR B 317 7.30 45.24 -13.82
C THR B 317 6.97 45.31 -12.34
N GLY B 318 7.61 44.51 -11.49
CA GLY B 318 7.34 44.52 -10.07
C GLY B 318 6.29 43.52 -9.62
N GLU B 319 5.44 43.05 -10.53
CA GLU B 319 4.42 42.07 -10.20
C GLU B 319 4.50 40.93 -11.22
N SER B 320 4.41 39.69 -10.73
CA SER B 320 4.53 38.54 -11.62
C SER B 320 3.22 38.23 -12.34
N GLY B 321 2.08 38.45 -11.68
CA GLY B 321 0.81 37.98 -12.18
C GLY B 321 0.55 36.54 -11.76
N MET B 322 -0.71 36.13 -11.94
CA MET B 322 -1.13 34.81 -11.48
C MET B 322 -0.41 33.72 -12.28
N ILE B 323 0.15 32.74 -11.58
CA ILE B 323 0.86 31.63 -12.22
C ILE B 323 0.51 30.36 -11.48
N VAL B 324 0.19 29.30 -12.23
CA VAL B 324 -0.19 28.01 -11.67
C VAL B 324 0.95 27.02 -11.90
N PHE B 325 1.41 26.38 -10.83
CA PHE B 325 2.55 25.49 -10.94
C PHE B 325 2.58 24.53 -9.76
N ARG B 326 3.49 23.55 -9.83
CA ARG B 326 3.57 22.49 -8.85
C ARG B 326 4.73 22.71 -7.90
N LEU B 327 4.48 22.49 -6.61
CA LEU B 327 5.48 22.62 -5.56
C LEU B 327 5.72 21.26 -4.91
N LEU B 328 6.99 20.98 -4.58
CA LEU B 328 7.35 19.74 -3.93
C LEU B 328 7.17 19.87 -2.42
N THR B 329 6.42 18.94 -1.83
CA THR B 329 6.18 18.93 -0.40
C THR B 329 7.30 18.19 0.33
N LYS B 330 7.17 18.08 1.65
CA LYS B 330 8.11 17.28 2.42
C LYS B 330 7.87 15.79 2.24
N ASP B 331 6.67 15.41 1.78
CA ASP B 331 6.38 14.03 1.44
C ASP B 331 6.93 13.63 0.07
N ASN B 332 7.69 14.52 -0.57
CA ASN B 332 8.12 14.34 -1.95
C ASN B 332 6.93 14.22 -2.90
N ARG B 333 5.80 14.80 -2.50
CA ARG B 333 4.60 14.89 -3.32
C ARG B 333 4.52 16.27 -3.98
N TRP B 334 3.69 16.36 -5.01
CA TRP B 334 3.47 17.61 -5.73
C TRP B 334 2.12 18.22 -5.30
N THR B 335 2.10 19.53 -5.18
CA THR B 335 0.89 20.27 -4.87
C THR B 335 0.74 21.42 -5.86
N TRP B 336 -0.42 21.47 -6.52
CA TRP B 336 -0.73 22.59 -7.40
C TRP B 336 -0.97 23.85 -6.58
N VAL B 337 -0.38 24.96 -7.00
CA VAL B 337 -0.60 26.25 -6.36
C VAL B 337 -0.83 27.29 -7.44
N GLN B 338 -1.75 28.21 -7.17
CA GLN B 338 -1.98 29.41 -7.98
C GLN B 338 -1.44 30.58 -7.17
N SER B 339 -0.34 31.17 -7.63
CA SER B 339 0.42 32.11 -6.83
C SER B 339 0.57 33.44 -7.53
N ASN B 340 0.97 34.43 -6.73
CA ASN B 340 1.19 35.80 -7.18
C ASN B 340 2.37 36.37 -6.39
N ALA B 341 3.46 36.68 -7.10
CA ALA B 341 4.65 37.23 -6.47
C ALA B 341 4.69 38.73 -6.68
N ARG B 342 4.93 39.47 -5.60
CA ARG B 342 5.04 40.92 -5.63
C ARG B 342 6.43 41.31 -5.14
N LEU B 343 6.99 42.34 -5.76
CA LEU B 343 8.26 42.90 -5.31
C LEU B 343 8.01 43.94 -4.24
N VAL B 344 8.80 43.88 -3.18
CA VAL B 344 8.79 44.89 -2.13
C VAL B 344 10.08 45.70 -2.26
N TYR B 345 9.98 47.00 -2.00
CA TYR B 345 11.08 47.92 -2.24
C TYR B 345 11.56 48.54 -0.93
N LYS B 346 12.86 48.77 -0.87
CA LYS B 346 13.51 49.56 0.16
C LYS B 346 14.27 50.68 -0.53
N ASN B 347 13.93 51.93 -0.20
CA ASN B 347 14.61 53.11 -0.73
C ASN B 347 14.68 53.08 -2.26
N GLY B 348 13.60 52.62 -2.88
CA GLY B 348 13.49 52.60 -4.33
C GLY B 348 14.15 51.44 -5.02
N ARG B 349 14.76 50.51 -4.28
CA ARG B 349 15.39 49.33 -4.85
C ARG B 349 14.66 48.06 -4.42
N PRO B 350 14.76 46.97 -5.18
CA PRO B 350 14.13 45.72 -4.75
C PRO B 350 14.79 45.19 -3.48
N ASP B 351 13.97 44.57 -2.63
CA ASP B 351 14.46 44.07 -1.35
C ASP B 351 14.15 42.59 -1.17
N TYR B 352 12.87 42.22 -1.25
CA TYR B 352 12.47 40.82 -1.14
C TYR B 352 11.18 40.63 -1.92
N ILE B 353 10.66 39.40 -1.88
CA ILE B 353 9.48 38.99 -2.63
C ILE B 353 8.43 38.50 -1.65
N ILE B 354 7.16 38.78 -1.95
CA ILE B 354 6.03 38.27 -1.18
C ILE B 354 5.12 37.52 -2.14
N ALA B 355 5.06 36.21 -2.01
CA ALA B 355 4.26 35.36 -2.87
C ALA B 355 3.02 34.89 -2.11
N THR B 356 1.86 35.02 -2.74
CA THR B 356 0.57 34.66 -2.15
C THR B 356 -0.01 33.49 -2.94
N GLN B 357 -0.14 32.33 -2.28
CA GLN B 357 -0.51 31.09 -2.93
C GLN B 357 -1.82 30.56 -2.37
N ARG B 358 -2.61 29.94 -3.25
CA ARG B 358 -3.85 29.27 -2.88
C ARG B 358 -3.81 27.88 -3.49
N PRO B 359 -3.80 26.82 -2.69
CA PRO B 359 -3.64 25.47 -3.25
C PRO B 359 -4.81 25.09 -4.14
N LEU B 360 -4.54 24.17 -5.08
CA LEU B 360 -5.51 23.76 -6.08
C LEU B 360 -5.68 22.25 -6.07
N THR B 361 -6.86 21.80 -6.52
CA THR B 361 -7.09 20.39 -6.75
C THR B 361 -6.39 19.93 -8.01
N ASP B 362 -6.22 18.62 -8.12
CA ASP B 362 -5.51 18.06 -9.28
C ASP B 362 -6.25 18.37 -10.59
N GLU B 363 -7.59 18.29 -10.56
CA GLU B 363 -8.37 18.55 -11.76
C GLU B 363 -8.19 19.99 -12.22
N GLU B 364 -8.29 20.94 -11.28
CA GLU B 364 -8.12 22.35 -11.63
C GLU B 364 -6.71 22.62 -12.17
N GLY B 365 -5.70 21.98 -11.57
CA GLY B 365 -4.34 22.19 -12.02
C GLY B 365 -4.12 21.66 -13.44
N LYS B 366 -4.58 20.46 -13.72
CA LYS B 366 -4.41 19.93 -15.07
C LYS B 366 -5.25 20.71 -16.09
N GLU B 367 -6.37 21.28 -15.65
CA GLU B 367 -7.16 22.12 -16.54
C GLU B 367 -6.40 23.40 -16.90
N HIS B 368 -5.82 24.06 -15.90
CA HIS B 368 -5.00 25.23 -16.19
C HIS B 368 -3.80 24.87 -17.06
N LEU B 369 -3.24 23.67 -16.85
CA LEU B 369 -2.09 23.26 -17.66
C LEU B 369 -2.48 23.03 -19.12
N ARG B 370 -3.62 22.37 -19.35
CA ARG B 370 -4.05 22.15 -20.74
C ARG B 370 -4.58 23.43 -21.38
N LYS B 371 -4.92 24.45 -20.58
CA LYS B 371 -5.32 25.76 -21.11
C LYS B 371 -4.18 26.77 -21.09
N ARG B 372 -2.93 26.32 -21.05
CA ARG B 372 -1.81 27.24 -20.96
C ARG B 372 -1.69 28.08 -22.22
N THR B 373 -1.29 29.35 -22.03
CA THR B 373 -1.06 30.23 -23.17
C THR B 373 0.32 29.99 -23.77
N LEU B 374 1.36 30.01 -22.94
CA LEU B 374 2.71 29.78 -23.39
C LEU B 374 2.96 28.29 -23.63
N LYS B 375 3.46 27.96 -24.81
CA LYS B 375 3.93 26.60 -25.11
C LYS B 375 5.43 26.58 -24.93
N LEU B 376 5.89 25.84 -23.93
CA LEU B 376 7.29 25.77 -23.55
C LEU B 376 7.74 24.33 -23.48
N PRO B 377 9.04 24.06 -23.55
CA PRO B 377 9.53 22.69 -23.42
C PRO B 377 9.18 22.09 -22.07
N PHE B 378 9.09 20.77 -22.04
CA PHE B 378 8.81 19.97 -20.85
C PHE B 378 7.44 20.28 -20.25
N MET B 379 6.60 21.04 -20.96
CA MET B 379 5.34 21.51 -20.39
C MET B 379 4.42 20.36 -19.97
N PHE B 380 4.54 19.20 -20.63
CA PHE B 380 3.65 18.08 -20.37
C PHE B 380 4.32 16.91 -19.67
N ALA B 381 5.54 17.09 -19.18
CA ALA B 381 6.25 16.01 -18.51
C ALA B 381 5.72 15.82 -17.09
N THR B 382 5.75 14.56 -16.65
CA THR B 382 5.39 14.19 -15.27
C THR B 382 6.51 13.34 -14.70
N GLY B 383 6.80 13.55 -13.42
CA GLY B 383 7.85 12.79 -12.80
C GLY B 383 7.86 12.99 -11.29
N GLU B 384 8.92 12.48 -10.68
CA GLU B 384 9.14 12.58 -9.25
C GLU B 384 10.46 13.28 -8.98
N ALA B 385 10.59 13.82 -7.77
CA ALA B 385 11.76 14.60 -7.41
C ALA B 385 12.17 14.31 -5.97
N VAL B 386 13.38 14.77 -5.62
CA VAL B 386 13.89 14.74 -4.26
C VAL B 386 14.60 16.06 -4.00
N LEU B 387 14.80 16.37 -2.73
CA LEU B 387 15.34 17.67 -2.33
C LEU B 387 16.30 17.50 -1.15
N TYR B 388 17.45 18.17 -1.24
CA TYR B 388 18.49 18.09 -0.24
C TYR B 388 18.95 19.49 0.15
N GLU B 389 19.67 19.58 1.26
CA GLU B 389 20.13 20.87 1.77
C GLU B 389 21.63 21.08 1.50
#